data_7HSO
#
_entry.id   7HSO
#
_cell.length_a   98.930
_cell.length_b   98.930
_cell.length_c   128.150
_cell.angle_alpha   90.00
_cell.angle_beta   90.00
_cell.angle_gamma   90.00
#
_symmetry.space_group_name_H-M   'I 2 2 2'
#
loop_
_entity.id
_entity.type
_entity.pdbx_description
1 polymer 'Oleoyl-acyl carrier protein thioesterase 1, chloroplastic'
2 non-polymer 4-methoxy-2-(piperazin-1-yl)pyrimidine
3 non-polymer 'SULFATE ION'
4 water water
#
_entity_poly.entity_id   1
_entity_poly.type   'polypeptide(L)'
_entity_poly.pdbx_seq_one_letter_code
;MGSLTEDGLSYKEKFVVRSYEVGSNKTATVETIANLLQEVGCNHAQSVGFSTDGFATTTTMRKLHLIWVTARMHIEIYKY
PAWGDVVEIETWCQSEGRIGTRRDWILKDSVTGEVTGRATSKWVMMNQDTRRLQKVSDDVRDEYLVFCPQEPRLAFPEEN
NRSLKKIPKLEDPAQYSMIGLKPRRADLDMNQHVNNVTYIGWVLESIPQEIVDTHELQVITLDYRRECQQDDVVDSLTTT
TSEIGGTNGSATSGTQGHNDSQFLHLLRLSGDGQEINRGTTLWRKKPSSHHHHHH
;
_entity_poly.pdbx_strand_id   A,B
#
loop_
_chem_comp.id
_chem_comp.type
_chem_comp.name
_chem_comp.formula
A1AJ9 non-polymer 4-methoxy-2-(piperazin-1-yl)pyrimidine 'C9 H14 N4 O'
SO4 non-polymer 'SULFATE ION' 'O4 S -2'
#
# COMPACT_ATOMS: atom_id res chain seq x y z
N GLY A 2 -0.85 -19.51 4.56
CA GLY A 2 -1.15 -19.50 5.99
C GLY A 2 -2.06 -20.63 6.41
N SER A 3 -2.08 -20.93 7.71
CA SER A 3 -2.90 -22.00 8.23
C SER A 3 -3.13 -21.87 9.72
N LEU A 4 -4.24 -22.46 10.20
CA LEU A 4 -4.57 -22.51 11.62
C LEU A 4 -3.56 -23.47 12.30
N THR A 5 -3.29 -23.25 13.59
CA THR A 5 -2.40 -24.14 14.34
C THR A 5 -3.07 -25.51 14.57
N GLU A 6 -2.34 -26.49 15.11
CA GLU A 6 -2.89 -27.83 15.34
C GLU A 6 -4.21 -27.82 16.12
N ASP A 7 -4.28 -27.02 17.19
CA ASP A 7 -5.47 -26.97 18.02
C ASP A 7 -6.63 -26.16 17.41
N GLY A 8 -6.38 -25.42 16.33
CA GLY A 8 -7.39 -24.59 15.67
C GLY A 8 -7.76 -23.35 16.44
N LEU A 9 -6.93 -22.95 17.43
CA LEU A 9 -7.22 -21.77 18.28
C LEU A 9 -6.39 -20.52 17.96
N SER A 10 -5.51 -20.60 16.96
CA SER A 10 -4.71 -19.48 16.47
C SER A 10 -4.35 -19.73 14.98
N TYR A 11 -3.80 -18.72 14.30
CA TYR A 11 -3.47 -18.82 12.87
C TYR A 11 -2.07 -18.28 12.60
N LYS A 12 -1.30 -18.91 11.68
CA LYS A 12 0.04 -18.44 11.32
C LYS A 12 0.19 -18.15 9.84
N GLU A 13 1.07 -17.20 9.48
CA GLU A 13 1.32 -16.84 8.08
C GLU A 13 2.70 -16.22 7.86
N LYS A 14 3.39 -16.66 6.81
CA LYS A 14 4.68 -16.10 6.46
C LYS A 14 4.51 -15.05 5.36
N PHE A 15 5.27 -13.97 5.44
CA PHE A 15 5.21 -12.90 4.47
C PHE A 15 6.63 -12.53 4.08
N VAL A 16 6.90 -12.38 2.77
CA VAL A 16 8.22 -11.95 2.33
C VAL A 16 8.13 -10.45 2.16
N VAL A 17 9.01 -9.68 2.81
CA VAL A 17 8.97 -8.20 2.76
C VAL A 17 9.30 -7.66 1.34
N ARG A 18 8.39 -6.84 0.78
CA ARG A 18 8.50 -6.28 -0.58
C ARG A 18 9.30 -4.98 -0.66
N SER A 19 9.86 -4.69 -1.84
CA SER A 19 10.66 -3.50 -2.11
C SER A 19 9.94 -2.22 -1.79
N TYR A 20 8.67 -2.08 -2.22
CA TYR A 20 7.90 -0.85 -1.96
C TYR A 20 7.34 -0.75 -0.53
N GLU A 21 7.54 -1.80 0.28
CA GLU A 21 7.05 -1.85 1.67
C GLU A 21 8.06 -1.31 2.69
N VAL A 22 9.30 -1.00 2.25
CA VAL A 22 10.36 -0.55 3.14
C VAL A 22 10.65 0.93 3.05
N GLY A 23 11.21 1.49 4.13
CA GLY A 23 11.60 2.89 4.21
C GLY A 23 13.07 3.12 3.89
N SER A 24 13.62 4.26 4.34
N SER A 24 13.62 4.26 4.34
N SER A 24 13.62 4.26 4.34
CA SER A 24 15.01 4.65 4.12
CA SER A 24 15.01 4.65 4.11
CA SER A 24 15.01 4.65 4.12
C SER A 24 16.02 3.67 4.69
C SER A 24 16.03 3.68 4.69
C SER A 24 16.02 3.67 4.69
N ASN A 25 15.67 2.99 5.78
CA ASN A 25 16.56 2.02 6.43
C ASN A 25 16.54 0.63 5.77
N LYS A 26 15.81 0.45 4.66
CA LYS A 26 15.64 -0.84 3.95
C LYS A 26 14.93 -1.88 4.82
N THR A 27 14.10 -1.43 5.79
CA THR A 27 13.27 -2.28 6.64
C THR A 27 11.81 -1.86 6.52
N ALA A 28 10.87 -2.81 6.75
CA ALA A 28 9.44 -2.56 6.65
C ALA A 28 8.98 -1.38 7.49
N THR A 29 8.09 -0.54 6.94
CA THR A 29 7.54 0.57 7.70
C THR A 29 6.53 0.02 8.72
N VAL A 30 6.16 0.82 9.73
CA VAL A 30 5.16 0.37 10.71
C VAL A 30 3.78 0.20 10.06
N GLU A 31 3.52 0.91 8.95
CA GLU A 31 2.29 0.80 8.19
C GLU A 31 2.28 -0.52 7.44
N THR A 32 3.45 -1.01 6.95
CA THR A 32 3.53 -2.32 6.31
C THR A 32 3.21 -3.39 7.35
N ILE A 33 3.80 -3.28 8.55
CA ILE A 33 3.53 -4.18 9.67
C ILE A 33 2.02 -4.21 9.97
N ALA A 34 1.41 -3.02 10.15
CA ALA A 34 -0.03 -2.88 10.41
C ALA A 34 -0.96 -3.50 9.32
N ASN A 35 -0.53 -3.48 8.04
CA ASN A 35 -1.26 -4.08 6.91
C ASN A 35 -1.13 -5.60 6.97
N LEU A 36 0.03 -6.12 7.38
CA LEU A 36 0.25 -7.56 7.51
C LEU A 36 -0.54 -8.12 8.68
N LEU A 37 -0.67 -7.36 9.78
CA LEU A 37 -1.48 -7.81 10.93
C LEU A 37 -2.96 -7.92 10.50
N GLN A 38 -3.42 -6.94 9.75
CA GLN A 38 -4.77 -6.84 9.23
C GLN A 38 -5.03 -8.02 8.28
N GLU A 39 -4.06 -8.32 7.39
CA GLU A 39 -4.13 -9.40 6.43
C GLU A 39 -4.19 -10.78 7.09
N VAL A 40 -3.29 -11.08 8.04
CA VAL A 40 -3.33 -12.36 8.74
C VAL A 40 -4.65 -12.49 9.55
N GLY A 41 -5.18 -11.38 10.07
CA GLY A 41 -6.45 -11.35 10.78
C GLY A 41 -7.63 -11.71 9.90
N CYS A 42 -7.62 -11.24 8.64
N CYS A 42 -7.60 -11.25 8.66
N CYS A 42 -7.62 -11.24 8.64
CA CYS A 42 -8.68 -11.53 7.68
CA CYS A 42 -8.64 -11.51 7.66
CA CYS A 42 -8.68 -11.53 7.68
C CYS A 42 -8.65 -13.00 7.26
C CYS A 42 -8.63 -12.99 7.26
C CYS A 42 -8.65 -13.00 7.26
N ASN A 43 -7.45 -13.58 7.11
CA ASN A 43 -7.27 -14.98 6.73
C ASN A 43 -7.65 -15.90 7.89
N HIS A 44 -7.37 -15.49 9.13
CA HIS A 44 -7.78 -16.24 10.32
C HIS A 44 -9.32 -16.32 10.37
N ALA A 45 -9.99 -15.16 10.18
CA ALA A 45 -11.44 -15.03 10.18
C ALA A 45 -12.11 -15.88 9.08
N GLN A 46 -11.48 -15.95 7.91
CA GLN A 46 -12.00 -16.73 6.80
C GLN A 46 -11.82 -18.22 7.05
N SER A 47 -10.65 -18.60 7.59
N SER A 47 -10.65 -18.61 7.58
N SER A 47 -10.65 -18.60 7.59
CA SER A 47 -10.33 -20.00 7.88
CA SER A 47 -10.36 -20.02 7.85
CA SER A 47 -10.33 -20.00 7.88
C SER A 47 -11.30 -20.64 8.88
C SER A 47 -11.34 -20.63 8.85
C SER A 47 -11.30 -20.64 8.88
N VAL A 48 -11.93 -19.82 9.74
CA VAL A 48 -12.89 -20.31 10.73
C VAL A 48 -14.35 -19.93 10.36
N GLY A 49 -14.62 -19.74 9.08
CA GLY A 49 -15.97 -19.47 8.59
C GLY A 49 -16.61 -18.14 8.89
N PHE A 50 -15.97 -17.02 8.53
CA PHE A 50 -16.55 -15.68 8.65
C PHE A 50 -16.60 -15.02 7.25
N SER A 51 -17.12 -13.78 7.15
CA SER A 51 -17.20 -12.93 5.96
C SER A 51 -18.25 -11.81 6.14
N ALA A 56 -16.22 -8.97 8.96
CA ALA A 56 -15.82 -10.22 9.61
C ALA A 56 -16.89 -10.60 10.63
N THR A 57 -18.13 -10.64 10.15
CA THR A 57 -19.32 -10.88 10.94
C THR A 57 -19.70 -12.33 11.17
N THR A 58 -20.26 -12.60 12.36
CA THR A 58 -20.79 -13.93 12.70
C THR A 58 -22.24 -14.03 12.14
N THR A 59 -22.90 -15.19 12.28
CA THR A 59 -24.26 -15.36 11.81
C THR A 59 -25.22 -14.45 12.57
N THR A 60 -25.02 -14.32 13.89
CA THR A 60 -25.86 -13.49 14.75
C THR A 60 -25.66 -11.99 14.45
N MET A 61 -24.44 -11.59 14.07
N MET A 61 -24.45 -11.59 14.07
N MET A 61 -24.44 -11.59 14.07
CA MET A 61 -24.15 -10.20 13.75
CA MET A 61 -24.16 -10.19 13.76
CA MET A 61 -24.15 -10.20 13.75
C MET A 61 -24.81 -9.76 12.45
C MET A 61 -24.82 -9.77 12.45
C MET A 61 -24.81 -9.76 12.45
N ARG A 62 -24.85 -10.66 11.46
CA ARG A 62 -25.47 -10.35 10.16
C ARG A 62 -26.99 -10.22 10.29
N LYS A 63 -27.59 -11.05 11.16
CA LYS A 63 -29.02 -11.03 11.44
C LYS A 63 -29.45 -9.71 12.14
N LEU A 64 -28.54 -9.12 12.92
CA LEU A 64 -28.81 -7.89 13.67
C LEU A 64 -28.21 -6.61 13.08
N HIS A 65 -27.50 -6.69 11.95
CA HIS A 65 -26.84 -5.56 11.28
C HIS A 65 -25.69 -4.98 12.13
N LEU A 66 -24.95 -5.85 12.83
CA LEU A 66 -23.85 -5.46 13.69
C LEU A 66 -22.50 -5.71 13.05
N ILE A 67 -21.52 -4.84 13.33
CA ILE A 67 -20.13 -4.93 12.86
C ILE A 67 -19.15 -4.69 14.04
N TRP A 68 -17.88 -5.07 13.85
CA TRP A 68 -16.83 -4.83 14.85
C TRP A 68 -16.08 -3.61 14.41
N VAL A 69 -15.87 -2.64 15.30
CA VAL A 69 -15.03 -1.49 14.96
C VAL A 69 -13.83 -1.45 15.90
N THR A 70 -12.67 -0.97 15.41
CA THR A 70 -11.47 -0.90 16.26
C THR A 70 -11.61 0.27 17.22
N ALA A 71 -11.36 0.02 18.48
CA ALA A 71 -11.35 1.02 19.52
C ALA A 71 -9.87 1.38 19.83
N ARG A 72 -8.98 0.38 19.87
CA ARG A 72 -7.58 0.61 20.16
C ARG A 72 -6.68 -0.31 19.38
N MET A 73 -5.48 0.19 19.03
CA MET A 73 -4.47 -0.58 18.32
C MET A 73 -3.13 -0.28 18.99
N HIS A 74 -2.46 -1.29 19.52
CA HIS A 74 -1.19 -1.10 20.19
C HIS A 74 -0.10 -1.99 19.56
N ILE A 75 1.02 -1.42 19.10
CA ILE A 75 2.08 -2.18 18.45
C ILE A 75 3.47 -1.90 19.03
N GLU A 76 4.19 -2.96 19.43
CA GLU A 76 5.54 -2.80 19.93
C GLU A 76 6.50 -3.63 19.05
N ILE A 77 7.41 -2.96 18.33
CA ILE A 77 8.39 -3.61 17.44
C ILE A 77 9.81 -3.55 18.02
N TYR A 78 10.52 -4.70 18.05
CA TYR A 78 11.91 -4.78 18.53
C TYR A 78 12.85 -4.68 17.33
N LYS A 79 12.52 -5.40 16.25
CA LYS A 79 13.30 -5.38 15.03
C LYS A 79 12.36 -5.35 13.82
N TYR A 80 12.60 -4.43 12.90
CA TYR A 80 11.82 -4.35 11.68
C TYR A 80 12.42 -5.32 10.69
N PRO A 81 11.62 -6.17 10.04
CA PRO A 81 12.21 -7.11 9.05
C PRO A 81 12.77 -6.32 7.87
N ALA A 82 13.91 -6.76 7.33
CA ALA A 82 14.50 -6.09 6.18
C ALA A 82 13.83 -6.56 4.89
N TRP A 83 13.95 -5.76 3.82
CA TRP A 83 13.47 -6.08 2.48
C TRP A 83 14.06 -7.43 2.01
N GLY A 84 13.18 -8.38 1.74
CA GLY A 84 13.60 -9.71 1.34
C GLY A 84 13.49 -10.77 2.42
N ASP A 85 13.31 -10.36 3.69
CA ASP A 85 13.19 -11.29 4.78
C ASP A 85 11.78 -11.90 4.89
N VAL A 86 11.68 -13.07 5.50
CA VAL A 86 10.41 -13.71 5.75
C VAL A 86 10.04 -13.42 7.21
N VAL A 87 8.84 -12.92 7.44
CA VAL A 87 8.32 -12.65 8.77
C VAL A 87 7.12 -13.59 9.01
N GLU A 88 7.04 -14.23 10.18
CA GLU A 88 5.91 -15.10 10.48
C GLU A 88 5.05 -14.47 11.57
N ILE A 89 3.75 -14.30 11.29
CA ILE A 89 2.85 -13.71 12.27
C ILE A 89 1.80 -14.73 12.77
N GLU A 90 1.70 -14.88 14.10
CA GLU A 90 0.70 -15.73 14.73
C GLU A 90 -0.36 -14.84 15.39
N THR A 91 -1.63 -15.06 15.06
CA THR A 91 -2.75 -14.28 15.58
C THR A 91 -3.83 -15.16 16.26
N TRP A 92 -4.59 -14.55 17.17
CA TRP A 92 -5.69 -15.24 17.86
C TRP A 92 -6.66 -14.22 18.42
N CYS A 93 -7.89 -14.65 18.71
CA CYS A 93 -8.90 -13.77 19.28
C CYS A 93 -9.26 -14.20 20.70
N GLN A 94 -9.88 -13.29 21.43
CA GLN A 94 -10.38 -13.58 22.76
C GLN A 94 -11.56 -12.68 23.11
N SER A 95 -12.51 -13.25 23.83
CA SER A 95 -13.72 -12.60 24.31
C SER A 95 -13.35 -11.79 25.58
N GLU A 96 -13.83 -10.55 25.71
CA GLU A 96 -13.58 -9.77 26.92
C GLU A 96 -14.91 -9.45 27.58
N GLY A 97 -15.71 -10.49 27.81
CA GLY A 97 -17.04 -10.38 28.36
C GLY A 97 -17.95 -9.61 27.42
N ARG A 98 -18.79 -8.74 27.98
CA ARG A 98 -19.69 -7.91 27.19
C ARG A 98 -19.03 -6.62 26.68
N ILE A 99 -17.74 -6.35 27.02
CA ILE A 99 -17.08 -5.13 26.56
C ILE A 99 -16.85 -5.18 25.05
N GLY A 100 -16.22 -6.25 24.57
CA GLY A 100 -15.93 -6.45 23.16
C GLY A 100 -15.03 -7.65 22.95
N THR A 101 -14.22 -7.61 21.90
CA THR A 101 -13.26 -8.68 21.60
C THR A 101 -11.83 -8.10 21.53
N ARG A 102 -10.85 -8.97 21.63
CA ARG A 102 -9.45 -8.57 21.55
C ARG A 102 -8.74 -9.44 20.52
N ARG A 103 -7.93 -8.85 19.63
CA ARG A 103 -7.13 -9.64 18.70
C ARG A 103 -5.65 -9.38 19.02
N ASP A 104 -4.85 -10.46 19.21
CA ASP A 104 -3.43 -10.33 19.54
C ASP A 104 -2.52 -10.96 18.47
N TRP A 105 -1.29 -10.42 18.31
CA TRP A 105 -0.36 -10.91 17.30
C TRP A 105 1.05 -10.97 17.86
N ILE A 106 1.82 -11.99 17.41
CA ILE A 106 3.22 -12.16 17.70
C ILE A 106 3.91 -12.21 16.32
N LEU A 107 5.00 -11.46 16.15
CA LEU A 107 5.78 -11.41 14.91
C LEU A 107 7.12 -12.07 15.18
N LYS A 108 7.56 -12.96 14.29
CA LYS A 108 8.83 -13.64 14.47
C LYS A 108 9.66 -13.62 13.20
N ASP A 109 11.00 -13.69 13.35
CA ASP A 109 11.92 -13.80 12.23
C ASP A 109 11.80 -15.28 11.84
N SER A 110 11.49 -15.58 10.58
CA SER A 110 11.31 -16.97 10.15
C SER A 110 12.62 -17.79 10.22
N VAL A 111 13.77 -17.11 10.10
CA VAL A 111 15.05 -17.79 10.13
C VAL A 111 15.47 -18.13 11.55
N THR A 112 15.45 -17.14 12.45
CA THR A 112 15.93 -17.34 13.82
C THR A 112 14.86 -17.82 14.80
N GLY A 113 13.59 -17.65 14.45
CA GLY A 113 12.47 -18.04 15.30
C GLY A 113 12.25 -17.14 16.50
N GLU A 114 12.96 -16.00 16.57
CA GLU A 114 12.87 -15.05 17.69
C GLU A 114 11.72 -14.05 17.50
N VAL A 115 11.15 -13.59 18.61
CA VAL A 115 10.07 -12.60 18.56
C VAL A 115 10.64 -11.25 18.21
N THR A 116 10.19 -10.66 17.09
CA THR A 116 10.67 -9.35 16.65
C THR A 116 9.63 -8.22 16.82
N GLY A 117 8.44 -8.54 17.31
CA GLY A 117 7.39 -7.59 17.53
C GLY A 117 6.11 -8.24 18.02
N ARG A 118 5.21 -7.47 18.61
CA ARG A 118 3.92 -7.96 19.10
C ARG A 118 2.88 -6.84 19.04
N ALA A 119 1.61 -7.22 18.95
CA ALA A 119 0.52 -6.25 18.84
C ALA A 119 -0.78 -6.73 19.52
N THR A 120 -1.64 -5.79 19.86
CA THR A 120 -2.93 -6.06 20.50
C THR A 120 -3.94 -5.01 20.02
N SER A 121 -5.20 -5.41 19.90
CA SER A 121 -6.24 -4.50 19.42
C SER A 121 -7.56 -4.83 20.11
N LYS A 122 -8.30 -3.80 20.51
CA LYS A 122 -9.60 -3.94 21.14
C LYS A 122 -10.70 -3.53 20.14
N TRP A 123 -11.71 -4.37 19.99
CA TRP A 123 -12.80 -4.15 19.06
C TRP A 123 -14.10 -4.02 19.82
N VAL A 124 -14.93 -3.06 19.44
CA VAL A 124 -16.23 -2.85 20.09
C VAL A 124 -17.38 -3.14 19.11
N MET A 125 -18.54 -3.55 19.62
CA MET A 125 -19.67 -3.89 18.75
C MET A 125 -20.40 -2.61 18.33
N MET A 126 -20.81 -2.50 17.06
CA MET A 126 -21.51 -1.31 16.56
C MET A 126 -22.60 -1.69 15.55
N ASN A 127 -23.75 -1.00 15.58
CA ASN A 127 -24.80 -1.23 14.60
C ASN A 127 -24.34 -0.50 13.34
N GLN A 128 -24.27 -1.21 12.21
CA GLN A 128 -23.83 -0.70 10.91
C GLN A 128 -24.69 0.48 10.42
N ASP A 129 -25.98 0.53 10.79
CA ASP A 129 -26.88 1.56 10.33
C ASP A 129 -26.86 2.82 11.24
N THR A 130 -27.27 2.69 12.51
CA THR A 130 -27.29 3.81 13.46
C THR A 130 -25.91 4.30 13.89
N ARG A 131 -24.89 3.44 13.74
CA ARG A 131 -23.51 3.71 14.17
C ARG A 131 -23.40 3.76 15.71
N ARG A 132 -24.32 3.10 16.44
CA ARG A 132 -24.34 3.11 17.89
C ARG A 132 -23.66 1.92 18.49
N LEU A 133 -22.71 2.16 19.40
CA LEU A 133 -22.00 1.07 20.05
C LEU A 133 -22.91 0.29 21.00
N GLN A 134 -22.60 -0.98 21.20
CA GLN A 134 -23.38 -1.83 22.08
C GLN A 134 -22.53 -2.93 22.69
N LYS A 135 -22.99 -3.44 23.82
CA LYS A 135 -22.30 -4.53 24.49
C LYS A 135 -22.53 -5.82 23.71
N VAL A 136 -21.55 -6.74 23.78
CA VAL A 136 -21.66 -8.02 23.09
C VAL A 136 -22.80 -8.87 23.69
N SER A 137 -23.70 -9.40 22.84
CA SER A 137 -24.79 -10.25 23.32
C SER A 137 -24.27 -11.68 23.64
N ASP A 138 -25.08 -12.50 24.32
CA ASP A 138 -24.71 -13.88 24.66
C ASP A 138 -24.52 -14.76 23.43
N ASP A 139 -25.34 -14.57 22.40
CA ASP A 139 -25.26 -15.39 21.19
C ASP A 139 -23.92 -15.20 20.47
N VAL A 140 -23.42 -13.96 20.46
CA VAL A 140 -22.15 -13.65 19.82
C VAL A 140 -20.98 -14.19 20.64
N ARG A 141 -21.08 -14.17 21.98
CA ARG A 141 -20.02 -14.67 22.84
C ARG A 141 -19.81 -16.15 22.73
N ASP A 142 -20.88 -16.92 22.49
CA ASP A 142 -20.79 -18.37 22.33
C ASP A 142 -20.29 -18.74 20.94
N GLU A 143 -20.66 -17.94 19.91
CA GLU A 143 -20.27 -18.20 18.53
C GLU A 143 -18.79 -18.08 18.28
N TYR A 144 -18.08 -17.18 19.00
CA TYR A 144 -16.63 -17.11 18.82
C TYR A 144 -15.85 -17.82 19.95
N LEU A 145 -16.53 -18.28 21.01
CA LEU A 145 -15.85 -19.08 22.05
C LEU A 145 -15.38 -20.44 21.50
N VAL A 146 -15.92 -20.87 20.36
CA VAL A 146 -15.52 -22.10 19.69
C VAL A 146 -14.19 -21.94 18.91
N PHE A 147 -13.76 -20.69 18.62
CA PHE A 147 -12.55 -20.33 17.86
C PHE A 147 -11.46 -19.66 18.70
N CYS A 148 -11.72 -19.41 19.98
CA CYS A 148 -10.80 -18.70 20.85
C CYS A 148 -10.24 -19.63 21.92
N PRO A 149 -9.00 -19.39 22.40
CA PRO A 149 -8.51 -20.15 23.57
C PRO A 149 -9.40 -19.82 24.78
N GLN A 150 -9.64 -20.80 25.64
CA GLN A 150 -10.53 -20.55 26.80
C GLN A 150 -9.74 -20.00 28.00
N GLU A 151 -8.46 -20.39 28.14
CA GLU A 151 -7.59 -19.80 29.15
C GLU A 151 -6.99 -18.52 28.54
N PRO A 152 -6.72 -17.45 29.33
CA PRO A 152 -6.22 -16.21 28.72
C PRO A 152 -4.87 -16.35 28.01
N ARG A 153 -4.77 -15.79 26.80
CA ARG A 153 -3.53 -15.84 26.03
C ARG A 153 -3.28 -14.41 25.59
N LEU A 154 -2.32 -13.74 26.24
CA LEU A 154 -2.09 -12.32 26.00
C LEU A 154 -0.74 -11.99 25.43
N ALA A 155 -0.70 -11.29 24.29
CA ALA A 155 0.57 -10.85 23.72
C ALA A 155 1.29 -9.87 24.66
N PHE A 156 0.52 -9.11 25.46
CA PHE A 156 1.03 -8.18 26.46
C PHE A 156 0.51 -8.61 27.82
N PRO A 157 1.17 -9.60 28.45
CA PRO A 157 0.67 -10.07 29.75
C PRO A 157 0.91 -9.12 30.94
N GLU A 158 2.10 -8.48 31.03
CA GLU A 158 2.57 -7.54 32.07
C GLU A 158 1.53 -6.94 33.05
N GLU A 159 1.96 -6.64 34.30
CA GLU A 159 1.10 -6.08 35.36
C GLU A 159 0.55 -4.69 35.00
N ASN A 160 1.41 -3.80 34.49
CA ASN A 160 1.02 -2.45 34.05
C ASN A 160 1.70 -2.18 32.70
N ASN A 161 1.17 -2.77 31.61
CA ASN A 161 1.78 -2.57 30.29
C ASN A 161 1.23 -1.33 29.58
N ARG A 162 2.03 -0.75 28.69
CA ARG A 162 1.67 0.44 27.93
C ARG A 162 0.44 0.26 27.02
N SER A 163 0.02 -1.01 26.76
CA SER A 163 -1.14 -1.31 25.92
C SER A 163 -2.49 -0.96 26.56
N LEU A 164 -2.54 -0.79 27.88
CA LEU A 164 -3.78 -0.49 28.60
C LEU A 164 -3.78 0.90 29.29
N LYS A 165 -2.81 1.76 28.96
CA LYS A 165 -2.70 3.08 29.58
C LYS A 165 -3.69 4.10 29.01
N LYS A 166 -4.17 5.01 29.85
CA LYS A 166 -5.08 6.08 29.46
C LYS A 166 -4.30 7.12 28.61
N ILE A 167 -4.88 7.59 27.50
CA ILE A 167 -4.21 8.59 26.66
C ILE A 167 -4.88 9.96 26.83
N PRO A 168 -4.10 10.98 27.23
CA PRO A 168 -4.67 12.33 27.39
C PRO A 168 -4.90 13.08 26.06
N LYS A 169 -5.60 14.21 26.13
CA LYS A 169 -5.87 15.01 24.94
C LYS A 169 -4.86 16.13 24.77
N LEU A 170 -4.29 16.22 23.56
CA LEU A 170 -3.30 17.22 23.20
C LEU A 170 -3.89 18.62 23.39
N GLU A 171 -3.12 19.52 23.98
CA GLU A 171 -3.56 20.88 24.25
C GLU A 171 -3.02 21.81 23.18
N ASP A 172 -3.85 22.74 22.71
CA ASP A 172 -3.42 23.72 21.73
C ASP A 172 -2.62 24.81 22.44
N PRO A 173 -1.50 25.27 21.86
CA PRO A 173 -0.96 24.87 20.55
C PRO A 173 -0.13 23.57 20.54
N ALA A 174 -0.21 22.84 19.43
CA ALA A 174 0.60 21.65 19.21
C ALA A 174 2.03 22.11 18.87
N GLN A 175 3.04 21.28 19.16
CA GLN A 175 4.42 21.62 18.86
C GLN A 175 4.67 21.46 17.37
N TYR A 176 4.16 20.37 16.79
CA TYR A 176 4.28 20.03 15.37
C TYR A 176 2.89 19.77 14.75
N SER A 177 2.74 19.95 13.42
CA SER A 177 1.47 19.72 12.76
C SER A 177 1.60 19.41 11.27
N MET A 178 0.65 18.65 10.74
CA MET A 178 0.54 18.38 9.32
C MET A 178 -0.92 18.60 8.99
N ILE A 179 -1.21 19.66 8.23
CA ILE A 179 -2.57 20.13 7.94
C ILE A 179 -3.07 19.73 6.54
N GLY A 180 -4.37 19.51 6.43
CA GLY A 180 -5.01 19.22 5.15
C GLY A 180 -4.84 17.83 4.59
N LEU A 181 -4.74 16.79 5.45
CA LEU A 181 -4.60 15.40 5.02
C LEU A 181 -5.94 14.85 4.53
N LYS A 182 -5.98 14.31 3.31
CA LYS A 182 -7.21 13.77 2.74
C LYS A 182 -6.99 12.36 2.30
N PRO A 183 -7.95 11.45 2.52
CA PRO A 183 -7.79 10.11 1.97
C PRO A 183 -8.04 10.05 0.45
N ARG A 184 -7.26 9.26 -0.26
CA ARG A 184 -7.51 9.00 -1.68
C ARG A 184 -8.09 7.55 -1.83
N ARG A 185 -8.42 7.09 -3.06
CA ARG A 185 -9.04 5.76 -3.22
C ARG A 185 -8.20 4.62 -2.65
N ALA A 186 -6.85 4.70 -2.69
CA ALA A 186 -5.98 3.67 -2.13
C ALA A 186 -6.08 3.55 -0.60
N ASP A 187 -6.53 4.62 0.06
CA ASP A 187 -6.74 4.64 1.52
C ASP A 187 -8.05 3.97 1.93
N LEU A 188 -8.95 3.69 0.99
CA LEU A 188 -10.24 3.07 1.30
C LEU A 188 -10.14 1.55 1.19
N ASP A 189 -10.92 0.84 2.00
CA ASP A 189 -10.98 -0.62 1.94
C ASP A 189 -12.06 -1.06 0.91
N MET A 190 -12.33 -2.37 0.77
CA MET A 190 -13.34 -2.88 -0.15
C MET A 190 -14.77 -2.37 0.14
N ASN A 191 -15.04 -1.89 1.37
CA ASN A 191 -16.36 -1.35 1.72
C ASN A 191 -16.44 0.19 1.67
N GLN A 192 -15.37 0.83 1.15
CA GLN A 192 -15.21 2.27 0.94
C GLN A 192 -15.07 3.08 2.21
N HIS A 193 -14.58 2.44 3.28
CA HIS A 193 -14.29 3.09 4.55
C HIS A 193 -12.77 3.26 4.63
N VAL A 194 -12.29 4.33 5.27
CA VAL A 194 -10.85 4.57 5.38
C VAL A 194 -10.20 3.46 6.22
N ASN A 195 -9.15 2.83 5.65
CA ASN A 195 -8.37 1.75 6.25
C ASN A 195 -7.75 2.24 7.56
N ASN A 196 -7.79 1.43 8.61
CA ASN A 196 -7.25 1.80 9.93
C ASN A 196 -5.77 2.18 9.93
N VAL A 197 -5.00 1.64 8.97
CA VAL A 197 -3.58 1.85 8.79
C VAL A 197 -3.29 3.27 8.32
N THR A 198 -4.24 3.90 7.56
CA THR A 198 -4.11 5.27 7.06
C THR A 198 -3.97 6.24 8.23
N TYR A 199 -4.74 5.99 9.32
CA TYR A 199 -4.71 6.80 10.54
C TYR A 199 -3.33 6.79 11.18
N ILE A 200 -2.66 5.63 11.15
CA ILE A 200 -1.30 5.48 11.67
C ILE A 200 -0.35 6.38 10.86
N GLY A 201 -0.49 6.33 9.53
CA GLY A 201 0.34 7.13 8.64
C GLY A 201 0.14 8.62 8.83
N TRP A 202 -1.11 9.03 9.01
CA TRP A 202 -1.54 10.41 9.23
C TRP A 202 -1.02 10.90 10.56
N VAL A 203 -1.02 10.04 11.61
CA VAL A 203 -0.46 10.35 12.94
C VAL A 203 1.06 10.65 12.82
N LEU A 204 1.77 9.76 12.13
CA LEU A 204 3.20 9.92 11.91
C LEU A 204 3.61 11.09 11.00
N GLU A 205 2.66 11.71 10.27
CA GLU A 205 2.94 12.83 9.36
C GLU A 205 3.38 14.11 10.06
N SER A 206 2.97 14.28 11.32
CA SER A 206 3.36 15.45 12.11
C SER A 206 4.65 15.23 12.92
N ILE A 207 5.25 14.04 12.88
CA ILE A 207 6.52 13.75 13.52
C ILE A 207 7.58 14.39 12.61
N PRO A 208 8.49 15.20 13.17
CA PRO A 208 9.53 15.83 12.32
C PRO A 208 10.43 14.83 11.59
N GLN A 209 10.84 15.16 10.36
CA GLN A 209 11.70 14.28 9.56
C GLN A 209 13.06 14.00 10.23
N GLU A 210 13.51 14.89 11.11
CA GLU A 210 14.76 14.67 11.84
C GLU A 210 14.61 13.51 12.83
N ILE A 211 13.44 13.39 13.48
CA ILE A 211 13.19 12.31 14.43
C ILE A 211 13.12 10.98 13.68
N VAL A 212 12.48 10.97 12.51
CA VAL A 212 12.36 9.76 11.70
C VAL A 212 13.73 9.28 11.23
N ASP A 213 14.57 10.22 10.78
CA ASP A 213 15.92 9.94 10.26
C ASP A 213 16.95 9.47 11.31
N THR A 214 16.75 9.82 12.59
CA THR A 214 17.69 9.46 13.65
C THR A 214 17.15 8.45 14.65
N HIS A 215 15.83 8.26 14.72
CA HIS A 215 15.22 7.32 15.67
C HIS A 215 14.45 6.21 15.00
N GLU A 216 14.14 5.15 15.75
CA GLU A 216 13.28 4.06 15.30
C GLU A 216 12.02 4.02 16.13
N LEU A 217 10.87 3.79 15.50
CA LEU A 217 9.60 3.70 16.24
C LEU A 217 9.58 2.38 17.00
N GLN A 218 9.54 2.45 18.33
CA GLN A 218 9.50 1.25 19.15
C GLN A 218 8.06 0.89 19.52
N VAL A 219 7.27 1.88 19.99
CA VAL A 219 5.89 1.65 20.40
C VAL A 219 4.97 2.69 19.79
N ILE A 220 3.73 2.29 19.49
CA ILE A 220 2.67 3.18 19.05
C ILE A 220 1.36 2.65 19.64
N THR A 221 0.58 3.52 20.27
CA THR A 221 -0.73 3.17 20.81
C THR A 221 -1.70 4.17 20.20
N LEU A 222 -2.83 3.69 19.68
CA LEU A 222 -3.78 4.56 19.02
C LEU A 222 -5.23 4.30 19.42
N ASP A 223 -5.94 5.34 19.83
CA ASP A 223 -7.36 5.29 20.16
C ASP A 223 -8.15 5.78 18.97
N TYR A 224 -9.25 5.09 18.66
CA TYR A 224 -10.12 5.39 17.54
C TYR A 224 -11.44 5.81 18.13
N ARG A 225 -11.88 7.03 17.81
CA ARG A 225 -13.09 7.63 18.39
C ARG A 225 -14.21 7.80 17.38
N ARG A 226 -13.86 8.07 16.14
CA ARG A 226 -14.76 8.40 15.07
C ARG A 226 -14.09 8.10 13.74
N GLU A 227 -14.86 7.69 12.73
CA GLU A 227 -14.26 7.37 11.44
C GLU A 227 -14.15 8.61 10.53
N CYS A 228 -13.15 8.62 9.67
CA CYS A 228 -12.94 9.70 8.71
C CYS A 228 -13.64 9.32 7.41
N GLN A 229 -14.45 10.23 6.87
CA GLN A 229 -15.16 10.01 5.62
C GLN A 229 -14.24 10.28 4.44
N GLN A 230 -14.60 9.72 3.28
CA GLN A 230 -13.88 9.89 2.02
C GLN A 230 -13.69 11.39 1.67
N ASP A 231 -14.68 12.23 2.00
CA ASP A 231 -14.65 13.67 1.73
C ASP A 231 -14.32 14.57 2.97
N ASP A 232 -13.69 13.98 4.00
CA ASP A 232 -13.28 14.70 5.20
C ASP A 232 -11.78 15.08 5.11
N VAL A 233 -11.40 16.22 5.70
CA VAL A 233 -10.01 16.70 5.75
C VAL A 233 -9.52 16.59 7.20
N VAL A 234 -8.30 16.11 7.40
CA VAL A 234 -7.75 15.83 8.72
C VAL A 234 -6.49 16.66 9.03
N ASP A 235 -6.37 17.11 10.27
CA ASP A 235 -5.17 17.79 10.76
C ASP A 235 -4.50 16.87 11.76
N SER A 236 -3.19 16.67 11.63
CA SER A 236 -2.42 15.81 12.52
C SER A 236 -1.57 16.68 13.45
N LEU A 237 -1.73 16.53 14.78
CA LEU A 237 -1.00 17.36 15.74
C LEU A 237 -0.11 16.52 16.64
N THR A 238 1.08 17.04 16.98
CA THR A 238 2.06 16.33 17.81
C THR A 238 2.76 17.25 18.82
N THR A 239 3.11 16.71 20.00
CA THR A 239 3.86 17.40 21.03
C THR A 239 4.79 16.42 21.72
N THR A 240 6.06 16.82 21.95
CA THR A 240 7.00 15.97 22.65
C THR A 240 6.64 15.99 24.14
N THR A 241 6.54 14.82 24.75
CA THR A 241 6.23 14.73 26.18
C THR A 241 7.41 14.25 27.03
N SER A 242 8.59 14.06 26.42
CA SER A 242 9.80 13.64 27.14
C SER A 242 10.73 14.85 27.37
N ASN A 259 17.50 9.52 26.55
CA ASN A 259 17.76 9.01 25.20
C ASN A 259 16.50 8.58 24.41
N ASP A 260 15.34 8.44 25.08
CA ASP A 260 14.11 8.07 24.36
C ASP A 260 13.23 9.28 24.08
N SER A 261 12.44 9.23 23.00
CA SER A 261 11.54 10.32 22.65
C SER A 261 10.08 9.87 22.70
N GLN A 262 9.25 10.61 23.43
CA GLN A 262 7.84 10.30 23.55
C GLN A 262 7.01 11.42 22.95
N PHE A 263 5.94 11.06 22.25
CA PHE A 263 5.08 12.06 21.66
C PHE A 263 3.64 11.81 21.99
N LEU A 264 2.86 12.88 22.05
CA LEU A 264 1.41 12.84 22.21
C LEU A 264 0.85 13.27 20.85
N HIS A 265 -0.15 12.55 20.34
CA HIS A 265 -0.72 12.81 19.02
C HIS A 265 -2.21 13.02 19.04
N LEU A 266 -2.72 13.79 18.09
CA LEU A 266 -4.16 13.99 17.96
C LEU A 266 -4.54 14.24 16.50
N LEU A 267 -5.50 13.45 15.98
CA LEU A 267 -6.04 13.66 14.64
C LEU A 267 -7.41 14.26 14.83
N ARG A 268 -7.70 15.35 14.13
CA ARG A 268 -9.01 15.99 14.22
C ARG A 268 -9.46 16.50 12.85
N LEU A 269 -10.78 16.67 12.67
CA LEU A 269 -11.32 17.17 11.43
C LEU A 269 -10.94 18.62 11.27
N SER A 270 -10.38 18.96 10.10
CA SER A 270 -9.86 20.26 9.73
C SER A 270 -10.83 21.40 9.98
N GLY A 271 -12.10 21.14 9.74
CA GLY A 271 -13.14 22.13 9.91
C GLY A 271 -13.46 22.42 11.36
N ASP A 272 -14.48 21.74 11.89
CA ASP A 272 -14.96 21.91 13.26
C ASP A 272 -13.98 21.47 14.37
N GLY A 273 -12.88 20.81 14.05
CA GLY A 273 -11.95 20.33 15.07
C GLY A 273 -12.46 19.11 15.83
N GLN A 274 -13.34 18.33 15.21
CA GLN A 274 -13.90 17.10 15.80
C GLN A 274 -12.80 16.04 15.93
N GLU A 275 -12.61 15.47 17.13
CA GLU A 275 -11.60 14.44 17.36
C GLU A 275 -11.91 13.12 16.68
N ILE A 276 -10.96 12.60 15.91
CA ILE A 276 -11.12 11.31 15.28
C ILE A 276 -10.18 10.29 15.93
N ASN A 277 -8.94 10.71 16.31
CA ASN A 277 -7.94 9.84 16.95
C ASN A 277 -7.10 10.57 17.97
N ARG A 278 -6.55 9.82 18.92
CA ARG A 278 -5.56 10.25 19.90
C ARG A 278 -4.56 9.08 20.16
N GLY A 279 -3.29 9.40 20.37
CA GLY A 279 -2.28 8.36 20.58
C GLY A 279 -0.98 8.85 21.13
N THR A 280 -0.03 7.92 21.31
CA THR A 280 1.34 8.18 21.81
C THR A 280 2.33 7.29 21.07
N THR A 281 3.56 7.78 20.86
CA THR A 281 4.62 7.00 20.23
C THR A 281 5.90 7.08 21.06
N LEU A 282 6.69 6.01 21.05
CA LEU A 282 7.97 5.99 21.75
C LEU A 282 9.04 5.62 20.73
N TRP A 283 10.14 6.37 20.73
CA TRP A 283 11.21 6.17 19.78
C TRP A 283 12.57 6.08 20.50
N ARG A 284 13.48 5.25 19.98
CA ARG A 284 14.83 5.11 20.52
C ARG A 284 15.85 5.57 19.46
N LYS A 285 17.00 6.12 19.89
CA LYS A 285 18.04 6.53 18.94
C LYS A 285 18.64 5.28 18.26
N LYS A 286 18.93 5.38 16.95
CA LYS A 286 19.48 4.25 16.17
C LYS A 286 20.89 3.86 16.62
N GLY B 2 9.70 -16.48 -6.36
CA GLY B 2 9.96 -16.18 -7.75
C GLY B 2 11.27 -16.74 -8.26
N SER B 3 11.40 -16.87 -9.57
CA SER B 3 12.62 -17.40 -10.16
C SER B 3 12.73 -17.04 -11.63
N LEU B 4 13.97 -17.01 -12.15
CA LEU B 4 14.25 -16.79 -13.57
C LEU B 4 13.76 -18.03 -14.35
N THR B 5 13.38 -17.85 -15.61
CA THR B 5 12.97 -18.97 -16.45
C THR B 5 14.18 -19.86 -16.80
N GLU B 6 13.96 -21.02 -17.43
CA GLU B 6 15.06 -21.92 -17.77
C GLU B 6 16.21 -21.25 -18.52
N ASP B 7 15.88 -20.42 -19.52
CA ASP B 7 16.91 -19.75 -20.31
C ASP B 7 17.59 -18.56 -19.60
N GLY B 8 17.05 -18.11 -18.47
CA GLY B 8 17.59 -16.99 -17.71
C GLY B 8 17.35 -15.64 -18.36
N LEU B 9 16.40 -15.58 -19.34
CA LEU B 9 16.12 -14.33 -20.06
C LEU B 9 14.81 -13.62 -19.66
N SER B 10 14.09 -14.18 -18.68
CA SER B 10 12.88 -13.59 -18.10
C SER B 10 12.71 -14.11 -16.66
N TYR B 11 11.78 -13.53 -15.89
CA TYR B 11 11.57 -13.90 -14.49
C TYR B 11 10.07 -14.07 -14.20
N LYS B 12 9.70 -15.07 -13.36
CA LYS B 12 8.30 -15.29 -13.00
C LYS B 12 8.07 -15.23 -11.49
N GLU B 13 6.87 -14.82 -11.07
CA GLU B 13 6.51 -14.74 -9.65
C GLU B 13 5.01 -14.84 -9.41
N LYS B 14 4.62 -15.64 -8.41
CA LYS B 14 3.22 -15.76 -8.05
C LYS B 14 2.92 -14.85 -6.85
N PHE B 15 1.74 -14.23 -6.85
CA PHE B 15 1.34 -13.33 -5.79
C PHE B 15 -0.10 -13.69 -5.40
N VAL B 16 -0.36 -13.79 -4.09
CA VAL B 16 -1.72 -14.05 -3.64
C VAL B 16 -2.31 -12.70 -3.32
N VAL B 17 -3.45 -12.35 -3.93
CA VAL B 17 -4.09 -11.03 -3.74
C VAL B 17 -4.59 -10.82 -2.29
N ARG B 18 -4.13 -9.74 -1.63
CA ARG B 18 -4.46 -9.40 -0.23
C ARG B 18 -5.75 -8.63 -0.05
N SER B 19 -6.35 -8.74 1.15
CA SER B 19 -7.61 -8.07 1.49
C SER B 19 -7.57 -6.58 1.30
N TYR B 20 -6.49 -5.90 1.78
CA TYR B 20 -6.37 -4.45 1.64
C TYR B 20 -5.95 -3.98 0.23
N GLU B 21 -5.67 -4.92 -0.66
CA GLU B 21 -5.23 -4.63 -2.04
C GLU B 21 -6.40 -4.51 -3.02
N VAL B 22 -7.63 -4.84 -2.59
CA VAL B 22 -8.80 -4.85 -3.46
C VAL B 22 -9.73 -3.67 -3.24
N GLY B 23 -10.50 -3.33 -4.27
CA GLY B 23 -11.48 -2.25 -4.23
C GLY B 23 -12.88 -2.75 -3.93
N SER B 24 -13.91 -1.95 -4.24
CA SER B 24 -15.30 -2.33 -3.97
C SER B 24 -15.78 -3.56 -4.74
N ASN B 25 -15.18 -3.86 -5.89
CA ASN B 25 -15.55 -5.05 -6.66
C ASN B 25 -14.91 -6.36 -6.12
N LYS B 26 -14.14 -6.28 -5.01
CA LYS B 26 -13.41 -7.41 -4.43
C LYS B 26 -12.31 -7.95 -5.36
N THR B 27 -11.80 -7.08 -6.27
CA THR B 27 -10.68 -7.39 -7.16
C THR B 27 -9.58 -6.35 -6.99
N ALA B 28 -8.32 -6.75 -7.27
CA ALA B 28 -7.15 -5.89 -7.11
C ALA B 28 -7.30 -4.56 -7.85
N THR B 29 -6.87 -3.46 -7.20
CA THR B 29 -6.89 -2.17 -7.83
C THR B 29 -5.76 -2.09 -8.87
N VAL B 30 -5.82 -1.13 -9.81
CA VAL B 30 -4.75 -0.99 -10.80
C VAL B 30 -3.43 -0.56 -10.14
N GLU B 31 -3.49 0.10 -8.96
CA GLU B 31 -2.34 0.47 -8.19
C GLU B 31 -1.70 -0.76 -7.55
N THR B 32 -2.51 -1.76 -7.14
CA THR B 32 -1.98 -3.03 -6.62
C THR B 32 -1.24 -3.73 -7.75
N ILE B 33 -1.84 -3.79 -8.95
CA ILE B 33 -1.21 -4.37 -10.13
C ILE B 33 0.14 -3.68 -10.40
N ALA B 34 0.15 -2.33 -10.46
CA ALA B 34 1.36 -1.52 -10.68
C ALA B 34 2.49 -1.75 -9.64
N ASN B 35 2.13 -2.06 -8.37
CA ASN B 35 3.08 -2.37 -7.29
C ASN B 35 3.65 -3.77 -7.48
N LEU B 36 2.82 -4.71 -7.96
CA LEU B 36 3.28 -6.07 -8.23
C LEU B 36 4.21 -6.11 -9.43
N LEU B 37 3.97 -5.28 -10.45
CA LEU B 37 4.86 -5.20 -11.61
C LEU B 37 6.25 -4.67 -11.17
N GLN B 38 6.23 -3.66 -10.33
CA GLN B 38 7.40 -3.01 -9.78
C GLN B 38 8.19 -4.02 -8.92
N GLU B 39 7.48 -4.81 -8.09
CA GLU B 39 8.06 -5.83 -7.23
C GLU B 39 8.71 -6.96 -8.01
N VAL B 40 8.02 -7.55 -8.99
CA VAL B 40 8.61 -8.60 -9.80
C VAL B 40 9.84 -8.05 -10.60
N GLY B 41 9.80 -6.78 -11.00
CA GLY B 41 10.90 -6.11 -11.68
C GLY B 41 12.14 -5.98 -10.81
N CYS B 42 11.94 -5.69 -9.51
CA CYS B 42 13.02 -5.57 -8.54
C CYS B 42 13.66 -6.93 -8.25
N ASN B 43 12.85 -7.99 -8.21
CA ASN B 43 13.36 -9.34 -7.96
C ASN B 43 14.08 -9.89 -9.18
N HIS B 44 13.62 -9.54 -10.40
CA HIS B 44 14.30 -9.91 -11.64
C HIS B 44 15.70 -9.28 -11.65
N ALA B 45 15.79 -7.97 -11.35
CA ALA B 45 17.03 -7.18 -11.29
C ALA B 45 18.02 -7.74 -10.27
N GLN B 46 17.51 -8.19 -9.11
CA GLN B 46 18.36 -8.74 -8.07
C GLN B 46 18.87 -10.12 -8.45
N SER B 47 18.02 -10.97 -9.03
CA SER B 47 18.41 -12.32 -9.44
C SER B 47 19.49 -12.33 -10.50
N VAL B 48 19.63 -11.25 -11.28
CA VAL B 48 20.68 -11.16 -12.29
C VAL B 48 21.83 -10.19 -11.86
N GLY B 49 22.01 -10.04 -10.56
CA GLY B 49 23.09 -9.24 -10.02
C GLY B 49 23.07 -7.74 -10.18
N PHE B 50 22.00 -7.09 -9.72
CA PHE B 50 21.94 -5.63 -9.71
C PHE B 50 21.87 -5.08 -8.28
N SER B 51 21.97 -3.74 -8.13
CA SER B 51 21.92 -3.04 -6.85
C SER B 51 20.69 -3.41 -6.05
N ALA B 56 19.13 -1.07 -9.35
CA ALA B 56 18.84 -0.72 -10.73
C ALA B 56 20.12 -0.56 -11.54
N THR B 57 21.16 0.01 -10.92
CA THR B 57 22.45 0.32 -11.53
C THR B 57 23.21 -0.92 -12.01
N THR B 58 24.02 -0.76 -13.07
CA THR B 58 24.74 -1.87 -13.70
C THR B 58 26.30 -1.76 -13.66
N THR B 59 26.89 -1.38 -12.51
CA THR B 59 28.36 -1.26 -12.32
C THR B 59 28.92 -0.06 -13.04
N THR B 60 28.78 0.03 -14.37
CA THR B 60 29.25 1.20 -15.11
C THR B 60 28.30 2.41 -14.86
N MET B 61 27.03 2.18 -14.47
CA MET B 61 26.14 3.29 -14.11
C MET B 61 26.55 3.85 -12.74
N ARG B 62 26.99 2.99 -11.83
CA ARG B 62 27.43 3.41 -10.51
C ARG B 62 28.73 4.22 -10.60
N LYS B 63 29.63 3.85 -11.54
CA LYS B 63 30.87 4.61 -11.73
C LYS B 63 30.63 5.96 -12.44
N LEU B 64 29.48 6.14 -13.09
CA LEU B 64 29.16 7.39 -13.77
C LEU B 64 28.04 8.19 -13.09
N HIS B 65 27.52 7.72 -11.95
CA HIS B 65 26.43 8.36 -11.21
C HIS B 65 25.15 8.42 -12.06
N LEU B 66 24.88 7.36 -12.80
CA LEU B 66 23.74 7.25 -13.70
C LEU B 66 22.65 6.36 -13.12
N ILE B 67 21.36 6.73 -13.33
CA ILE B 67 20.18 5.97 -12.90
C ILE B 67 19.15 5.84 -14.05
N TRP B 68 18.19 4.90 -13.91
CA TRP B 68 17.12 4.73 -14.87
C TRP B 68 15.90 5.43 -14.33
N VAL B 69 15.24 6.28 -15.12
CA VAL B 69 13.98 6.88 -14.68
C VAL B 69 12.87 6.48 -15.65
N THR B 70 11.63 6.33 -15.15
CA THR B 70 10.51 5.94 -16.02
C THR B 70 10.08 7.12 -16.87
N ALA B 71 9.95 6.90 -18.15
CA ALA B 71 9.45 7.88 -19.11
C ALA B 71 7.98 7.56 -19.43
N ARG B 72 7.63 6.28 -19.55
CA ARG B 72 6.27 5.87 -19.90
C ARG B 72 5.89 4.58 -19.22
N MET B 73 4.62 4.44 -18.88
CA MET B 73 4.09 3.23 -18.27
C MET B 73 2.74 2.96 -18.93
N HIS B 74 2.59 1.80 -19.56
CA HIS B 74 1.34 1.45 -20.23
C HIS B 74 0.80 0.11 -19.70
N ILE B 75 -0.45 0.07 -19.21
CA ILE B 75 -1.04 -1.16 -18.66
C ILE B 75 -2.42 -1.48 -19.24
N GLU B 76 -2.61 -2.70 -19.75
N GLU B 76 -2.60 -2.71 -19.74
N GLU B 76 -2.61 -2.70 -19.75
CA GLU B 76 -3.91 -3.12 -20.27
CA GLU B 76 -3.89 -3.16 -20.26
CA GLU B 76 -3.91 -3.12 -20.27
C GLU B 76 -4.37 -4.37 -19.53
C GLU B 76 -4.34 -4.38 -19.49
C GLU B 76 -4.37 -4.37 -19.53
N ILE B 77 -5.42 -4.25 -18.72
CA ILE B 77 -5.97 -5.38 -17.93
C ILE B 77 -7.29 -5.91 -18.55
N TYR B 78 -7.40 -7.25 -18.70
CA TYR B 78 -8.62 -7.89 -19.21
C TYR B 78 -9.47 -8.35 -18.03
N LYS B 79 -8.83 -8.95 -17.02
CA LYS B 79 -9.51 -9.39 -15.81
C LYS B 79 -8.65 -9.05 -14.58
N TYR B 80 -9.26 -8.43 -13.58
CA TYR B 80 -8.58 -8.11 -12.34
C TYR B 80 -8.65 -9.33 -11.46
N PRO B 81 -7.53 -9.79 -10.88
CA PRO B 81 -7.60 -10.96 -9.99
C PRO B 81 -8.43 -10.62 -8.75
N ALA B 82 -9.23 -11.58 -8.28
CA ALA B 82 -10.04 -11.35 -7.08
C ALA B 82 -9.20 -11.57 -5.83
N TRP B 83 -9.65 -11.03 -4.69
CA TRP B 83 -9.05 -11.20 -3.37
C TRP B 83 -8.95 -12.71 -3.04
N GLY B 84 -7.73 -13.19 -2.85
CA GLY B 84 -7.49 -14.59 -2.56
C GLY B 84 -6.95 -15.38 -3.74
N ASP B 85 -6.99 -14.81 -4.95
CA ASP B 85 -6.50 -15.50 -6.13
C ASP B 85 -4.97 -15.37 -6.27
N VAL B 86 -4.37 -16.32 -6.98
CA VAL B 86 -2.95 -16.30 -7.26
C VAL B 86 -2.80 -15.74 -8.68
N VAL B 87 -1.94 -14.73 -8.83
CA VAL B 87 -1.64 -14.14 -10.13
C VAL B 87 -0.15 -14.40 -10.41
N GLU B 88 0.19 -14.84 -11.64
CA GLU B 88 1.59 -15.06 -11.98
C GLU B 88 2.04 -14.02 -12.99
N ILE B 89 3.11 -13.30 -12.67
CA ILE B 89 3.63 -12.27 -13.57
C ILE B 89 5.02 -12.66 -14.14
N GLU B 90 5.15 -12.62 -15.47
CA GLU B 90 6.42 -12.87 -16.14
C GLU B 90 6.93 -11.54 -16.71
N THR B 91 8.18 -11.18 -16.37
CA THR B 91 8.81 -9.94 -16.80
C THR B 91 10.15 -10.16 -17.53
N TRP B 92 10.55 -9.21 -18.36
CA TRP B 92 11.81 -9.25 -19.08
C TRP B 92 12.21 -7.85 -19.54
N CYS B 93 13.48 -7.66 -19.84
CA CYS B 93 13.99 -6.37 -20.31
C CYS B 93 14.46 -6.45 -21.75
N GLN B 94 14.60 -5.29 -22.40
CA GLN B 94 15.15 -5.20 -23.74
C GLN B 94 15.79 -3.84 -23.99
N SER B 95 16.90 -3.80 -24.74
CA SER B 95 17.57 -2.56 -25.10
C SER B 95 16.84 -1.96 -26.28
N GLU B 96 16.77 -0.63 -26.34
CA GLU B 96 16.15 0.04 -27.46
C GLU B 96 17.18 1.02 -28.06
N GLY B 97 18.33 0.49 -28.44
CA GLY B 97 19.42 1.27 -28.99
C GLY B 97 19.96 2.22 -27.95
N ARG B 98 20.19 3.49 -28.31
CA ARG B 98 20.63 4.48 -27.35
C ARG B 98 19.49 5.32 -26.78
N ILE B 99 18.23 5.00 -27.10
CA ILE B 99 17.09 5.74 -26.56
C ILE B 99 16.96 5.43 -25.06
N GLY B 100 16.90 4.15 -24.72
CA GLY B 100 16.78 3.71 -23.34
C GLY B 100 16.56 2.22 -23.27
N THR B 101 15.83 1.80 -22.24
CA THR B 101 15.51 0.42 -21.94
C THR B 101 13.99 0.22 -21.86
N ARG B 102 13.51 -0.99 -22.15
CA ARG B 102 12.10 -1.29 -22.06
C ARG B 102 11.89 -2.48 -21.13
N ARG B 103 10.91 -2.40 -20.19
CA ARG B 103 10.57 -3.55 -19.37
C ARG B 103 9.14 -3.96 -19.69
N ASP B 104 8.89 -5.27 -19.95
CA ASP B 104 7.55 -5.74 -20.28
C ASP B 104 7.03 -6.77 -19.28
N TRP B 105 5.70 -6.94 -19.19
CA TRP B 105 5.10 -7.88 -18.26
C TRP B 105 3.88 -8.53 -18.84
N ILE B 106 3.67 -9.82 -18.51
CA ILE B 106 2.48 -10.59 -18.84
C ILE B 106 1.93 -11.08 -17.50
N LEU B 107 0.62 -10.91 -17.28
CA LEU B 107 -0.06 -11.33 -16.06
C LEU B 107 -0.96 -12.50 -16.42
N LYS B 108 -0.91 -13.58 -15.64
CA LYS B 108 -1.75 -14.75 -15.90
C LYS B 108 -2.48 -15.22 -14.64
N ASP B 109 -3.64 -15.87 -14.85
CA ASP B 109 -4.39 -16.50 -13.75
C ASP B 109 -3.61 -17.78 -13.50
N SER B 110 -3.18 -18.02 -12.26
CA SER B 110 -2.38 -19.20 -11.95
C SER B 110 -3.17 -20.52 -12.13
N VAL B 111 -4.49 -20.46 -11.98
CA VAL B 111 -5.33 -21.65 -12.12
C VAL B 111 -5.57 -22.00 -13.59
N THR B 112 -6.02 -21.03 -14.39
CA THR B 112 -6.36 -21.31 -15.78
C THR B 112 -5.20 -21.15 -16.77
N GLY B 113 -4.14 -20.45 -16.37
CA GLY B 113 -2.98 -20.20 -17.22
C GLY B 113 -3.23 -19.18 -18.33
N GLU B 114 -4.38 -18.50 -18.31
CA GLU B 114 -4.74 -17.53 -19.34
C GLU B 114 -4.20 -16.14 -19.03
N VAL B 115 -3.91 -15.35 -20.08
CA VAL B 115 -3.41 -14.00 -19.91
C VAL B 115 -4.52 -13.09 -19.44
N THR B 116 -4.37 -12.47 -18.26
CA THR B 116 -5.39 -11.57 -17.72
C THR B 116 -4.98 -10.07 -17.75
N GLY B 117 -3.78 -9.79 -18.25
CA GLY B 117 -3.29 -8.44 -18.36
C GLY B 117 -1.87 -8.38 -18.88
N ARG B 118 -1.45 -7.22 -19.38
N ARG B 118 -1.45 -7.22 -19.38
N ARG B 118 -1.45 -7.22 -19.38
CA ARG B 118 -0.10 -7.02 -19.90
CA ARG B 118 -0.11 -7.02 -19.89
CA ARG B 118 -0.09 -7.02 -19.89
C ARG B 118 0.35 -5.58 -19.73
C ARG B 118 0.35 -5.58 -19.73
C ARG B 118 0.35 -5.57 -19.73
N ALA B 119 1.66 -5.36 -19.59
CA ALA B 119 2.20 -4.02 -19.40
C ALA B 119 3.56 -3.80 -20.07
N THR B 120 3.90 -2.53 -20.31
CA THR B 120 5.15 -2.14 -20.94
C THR B 120 5.58 -0.79 -20.35
N SER B 121 6.89 -0.58 -20.24
CA SER B 121 7.42 0.66 -19.66
C SER B 121 8.72 1.04 -20.34
N LYS B 122 8.90 2.32 -20.62
CA LYS B 122 10.11 2.85 -21.22
C LYS B 122 10.93 3.62 -20.16
N TRP B 123 12.21 3.32 -20.05
CA TRP B 123 13.09 3.92 -19.07
C TRP B 123 14.18 4.71 -19.80
N VAL B 124 14.50 5.90 -19.31
CA VAL B 124 15.52 6.74 -19.91
C VAL B 124 16.71 6.90 -18.93
N MET B 125 17.92 7.10 -19.45
CA MET B 125 19.10 7.25 -18.63
C MET B 125 19.17 8.68 -18.06
N MET B 126 19.61 8.86 -16.80
CA MET B 126 19.70 10.17 -16.19
C MET B 126 20.86 10.24 -15.19
N ASN B 127 21.55 11.37 -15.12
CA ASN B 127 22.60 11.58 -14.12
C ASN B 127 21.85 11.91 -12.84
N GLN B 128 22.08 11.18 -11.71
CA GLN B 128 21.32 11.49 -10.49
C GLN B 128 21.69 12.81 -9.84
N ASP B 129 22.85 13.40 -10.18
CA ASP B 129 23.25 14.68 -9.63
C ASP B 129 22.67 15.87 -10.43
N THR B 130 23.03 16.02 -11.72
CA THR B 130 22.53 17.10 -12.56
C THR B 130 21.08 16.93 -12.99
N ARG B 131 20.55 15.69 -12.92
CA ARG B 131 19.20 15.34 -13.36
C ARG B 131 19.04 15.47 -14.89
N ARG B 132 20.14 15.32 -15.64
CA ARG B 132 20.14 15.46 -17.08
C ARG B 132 20.04 14.15 -17.81
N LEU B 133 19.02 14.03 -18.67
CA LEU B 133 18.75 12.85 -19.49
C LEU B 133 19.92 12.59 -20.43
N GLN B 134 20.37 11.34 -20.46
CA GLN B 134 21.48 10.91 -21.30
C GLN B 134 21.00 9.85 -22.28
N LYS B 135 21.73 9.66 -23.36
CA LYS B 135 21.47 8.58 -24.29
C LYS B 135 22.30 7.36 -23.79
N VAL B 136 21.84 6.14 -24.02
CA VAL B 136 22.56 4.94 -23.55
C VAL B 136 23.92 4.81 -24.26
N SER B 137 24.97 5.27 -23.59
CA SER B 137 26.30 5.31 -24.16
C SER B 137 27.02 4.00 -24.01
N ASP B 138 26.87 3.06 -25.00
CA ASP B 138 27.52 1.72 -25.05
C ASP B 138 27.75 1.11 -23.65
N ASP B 139 28.61 0.07 -23.48
CA ASP B 139 28.98 -0.53 -22.20
C ASP B 139 27.79 -1.12 -21.40
N VAL B 140 26.86 -0.24 -20.96
CA VAL B 140 25.57 -0.48 -20.33
C VAL B 140 24.72 -1.34 -21.28
N ARG B 141 24.80 -1.05 -22.59
CA ARG B 141 24.10 -1.80 -23.61
C ARG B 141 24.67 -3.21 -23.77
N ASP B 142 25.99 -3.38 -23.54
CA ASP B 142 26.64 -4.69 -23.62
C ASP B 142 26.32 -5.49 -22.37
N GLU B 143 26.29 -4.85 -21.19
CA GLU B 143 25.93 -5.58 -19.97
C GLU B 143 24.44 -5.91 -19.91
N TYR B 144 23.58 -5.14 -20.60
CA TYR B 144 22.16 -5.45 -20.67
C TYR B 144 21.88 -6.62 -21.64
N LEU B 145 22.76 -6.83 -22.64
CA LEU B 145 22.58 -7.92 -23.62
C LEU B 145 22.74 -9.31 -23.03
N VAL B 146 23.44 -9.44 -21.90
CA VAL B 146 23.65 -10.76 -21.33
C VAL B 146 22.41 -11.27 -20.56
N PHE B 147 21.47 -10.37 -20.18
CA PHE B 147 20.24 -10.67 -19.41
C PHE B 147 18.94 -10.48 -20.21
N CYS B 148 19.03 -10.04 -21.45
CA CYS B 148 17.86 -9.76 -22.29
C CYS B 148 17.76 -10.74 -23.43
N PRO B 149 16.53 -11.03 -23.91
CA PRO B 149 16.41 -11.82 -25.15
C PRO B 149 17.02 -11.03 -26.31
N GLN B 150 17.66 -11.71 -27.25
CA GLN B 150 18.31 -10.97 -28.36
C GLN B 150 17.34 -10.75 -29.54
N GLU B 151 16.37 -11.66 -29.73
CA GLU B 151 15.29 -11.46 -30.70
C GLU B 151 14.20 -10.65 -29.99
N PRO B 152 13.47 -9.75 -30.68
CA PRO B 152 12.47 -8.93 -29.97
C PRO B 152 11.35 -9.72 -29.30
N ARG B 153 11.03 -9.36 -28.06
CA ARG B 153 9.97 -10.01 -27.31
C ARG B 153 9.12 -8.91 -26.76
N LEU B 154 7.95 -8.68 -27.36
CA LEU B 154 7.11 -7.55 -27.01
C LEU B 154 5.76 -7.93 -26.44
N ALA B 155 5.43 -7.43 -25.24
CA ALA B 155 4.10 -7.67 -24.67
C ALA B 155 3.01 -7.04 -25.55
N PHE B 156 3.35 -5.95 -26.26
CA PHE B 156 2.45 -5.26 -27.18
C PHE B 156 3.08 -5.28 -28.56
N PRO B 157 2.93 -6.39 -29.29
CA PRO B 157 3.57 -6.48 -30.60
C PRO B 157 2.89 -5.66 -31.71
N GLU B 158 1.56 -5.69 -31.78
CA GLU B 158 0.70 -5.00 -32.76
C GLU B 158 1.31 -3.74 -33.43
N GLU B 159 1.32 -3.69 -34.78
CA GLU B 159 1.85 -2.49 -35.47
C GLU B 159 0.75 -1.42 -35.35
N ASN B 160 1.11 -0.27 -34.77
CA ASN B 160 0.20 0.83 -34.44
C ASN B 160 -0.70 0.39 -33.27
N ASN B 161 -0.18 0.46 -32.03
CA ASN B 161 -0.92 0.06 -30.81
C ASN B 161 -0.92 1.17 -29.74
N ARG B 162 -1.85 1.06 -28.77
CA ARG B 162 -2.09 2.05 -27.69
C ARG B 162 -0.84 2.48 -26.88
N SER B 163 0.15 1.58 -26.72
CA SER B 163 1.36 1.84 -25.92
C SER B 163 2.36 2.80 -26.52
N LEU B 164 2.27 3.10 -27.82
CA LEU B 164 3.23 3.98 -28.49
C LEU B 164 2.61 5.29 -29.05
N LYS B 165 1.35 5.58 -28.71
CA LYS B 165 0.68 6.77 -29.22
C LYS B 165 1.09 8.06 -28.51
N LYS B 166 1.14 9.18 -29.24
CA LYS B 166 1.47 10.49 -28.69
C LYS B 166 0.29 10.97 -27.81
N ILE B 167 0.58 11.53 -26.62
CA ILE B 167 -0.47 12.02 -25.73
C ILE B 167 -0.51 13.54 -25.75
N PRO B 168 -1.67 14.13 -26.09
CA PRO B 168 -1.78 15.59 -26.10
C PRO B 168 -1.89 16.25 -24.71
N LYS B 169 -1.77 17.57 -24.65
CA LYS B 169 -1.88 18.30 -23.38
C LYS B 169 -3.28 18.82 -23.14
N LEU B 170 -3.81 18.54 -21.94
CA LEU B 170 -5.14 18.93 -21.51
C LEU B 170 -5.26 20.47 -21.56
N GLU B 171 -6.37 20.97 -22.10
CA GLU B 171 -6.58 22.40 -22.20
C GLU B 171 -7.47 22.88 -21.06
N ASP B 172 -7.14 24.04 -20.50
CA ASP B 172 -7.95 24.62 -19.44
C ASP B 172 -9.18 25.31 -20.06
N PRO B 173 -10.37 25.14 -19.46
CA PRO B 173 -10.63 24.42 -18.21
C PRO B 173 -10.79 22.91 -18.33
N ALA B 174 -10.36 22.17 -17.28
CA ALA B 174 -10.53 20.74 -17.20
C ALA B 174 -12.00 20.45 -16.85
N GLN B 175 -12.52 19.28 -17.26
CA GLN B 175 -13.91 18.92 -16.95
C GLN B 175 -14.03 18.53 -15.48
N TYR B 176 -13.06 17.75 -15.00
CA TYR B 176 -12.99 17.27 -13.61
C TYR B 176 -11.62 17.62 -13.00
N SER B 177 -11.54 17.71 -11.66
CA SER B 177 -10.28 18.02 -11.00
C SER B 177 -10.22 17.55 -9.54
N MET B 178 -9.02 17.26 -9.05
CA MET B 178 -8.77 16.95 -7.66
C MET B 178 -7.57 17.80 -7.28
N ILE B 179 -7.77 18.82 -6.45
CA ILE B 179 -6.69 19.77 -6.15
C ILE B 179 -6.10 19.56 -4.75
N GLY B 180 -4.84 19.93 -4.59
CA GLY B 180 -4.13 19.84 -3.32
C GLY B 180 -3.61 18.49 -2.89
N LEU B 181 -3.27 17.61 -3.84
CA LEU B 181 -2.75 16.27 -3.53
C LEU B 181 -1.29 16.35 -3.07
N LYS B 182 -0.99 15.77 -1.89
CA LYS B 182 0.37 15.80 -1.36
C LYS B 182 0.82 14.40 -1.06
N PRO B 183 2.08 14.05 -1.35
CA PRO B 183 2.57 12.72 -0.93
C PRO B 183 2.84 12.65 0.58
N ARG B 184 2.51 11.53 1.19
CA ARG B 184 2.87 11.28 2.60
C ARG B 184 4.05 10.25 2.63
N ARG B 185 4.57 9.88 3.81
CA ARG B 185 5.73 8.97 3.86
C ARG B 185 5.51 7.63 3.18
N ALA B 186 4.26 7.10 3.20
CA ALA B 186 3.94 5.82 2.52
C ALA B 186 4.05 5.91 0.99
N ASP B 187 3.96 7.11 0.44
CA ASP B 187 4.10 7.36 -1.00
C ASP B 187 5.56 7.40 -1.44
N LEU B 188 6.51 7.48 -0.50
CA LEU B 188 7.94 7.54 -0.83
C LEU B 188 8.54 6.14 -0.87
N ASP B 189 9.55 5.93 -1.71
CA ASP B 189 10.26 4.65 -1.76
C ASP B 189 11.44 4.68 -0.76
N MET B 190 12.28 3.63 -0.72
CA MET B 190 13.44 3.56 0.17
C MET B 190 14.47 4.69 -0.05
N ASN B 191 14.46 5.32 -1.24
CA ASN B 191 15.39 6.42 -1.53
C ASN B 191 14.76 7.82 -1.34
N GLN B 192 13.54 7.87 -0.78
CA GLN B 192 12.75 9.06 -0.45
C GLN B 192 12.22 9.82 -1.66
N HIS B 193 12.06 9.12 -2.78
CA HIS B 193 11.47 9.65 -3.99
C HIS B 193 10.04 9.12 -4.09
N VAL B 194 9.11 9.93 -4.64
CA VAL B 194 7.72 9.50 -4.76
C VAL B 194 7.61 8.31 -5.70
N ASN B 195 6.95 7.24 -5.23
CA ASN B 195 6.73 5.98 -5.94
C ASN B 195 5.99 6.27 -7.25
N ASN B 196 6.37 5.59 -8.34
CA ASN B 196 5.75 5.86 -9.64
C ASN B 196 4.23 5.49 -9.67
N VAL B 197 3.79 4.60 -8.75
CA VAL B 197 2.41 4.13 -8.58
C VAL B 197 1.52 5.21 -7.98
N THR B 198 2.10 6.11 -7.15
CA THR B 198 1.37 7.24 -6.53
C THR B 198 0.78 8.15 -7.61
N TYR B 199 1.55 8.37 -8.70
CA TYR B 199 1.14 9.19 -9.84
C TYR B 199 -0.10 8.62 -10.50
N ILE B 200 -0.19 7.28 -10.60
CA ILE B 200 -1.34 6.58 -11.15
C ILE B 200 -2.56 6.87 -10.28
N GLY B 201 -2.39 6.78 -8.96
CA GLY B 201 -3.47 7.03 -8.02
C GLY B 201 -3.97 8.45 -8.06
N TRP B 202 -3.03 9.40 -8.18
CA TRP B 202 -3.30 10.83 -8.27
C TRP B 202 -4.02 11.16 -9.55
N VAL B 203 -3.66 10.48 -10.68
CA VAL B 203 -4.32 10.64 -11.99
C VAL B 203 -5.81 10.19 -11.86
N LEU B 204 -6.02 9.02 -11.27
CA LEU B 204 -7.35 8.49 -11.08
C LEU B 204 -8.23 9.25 -10.08
N GLU B 205 -7.66 10.16 -9.26
CA GLU B 205 -8.39 10.94 -8.26
C GLU B 205 -9.39 11.95 -8.86
N SER B 206 -9.12 12.40 -10.09
CA SER B 206 -10.02 13.32 -10.77
C SER B 206 -11.08 12.62 -11.63
N ILE B 207 -11.07 11.28 -11.71
CA ILE B 207 -12.09 10.51 -12.41
C ILE B 207 -13.29 10.51 -11.46
N PRO B 208 -14.49 10.87 -11.96
CA PRO B 208 -15.68 10.88 -11.07
C PRO B 208 -16.01 9.52 -10.47
N GLN B 209 -16.47 9.50 -9.21
CA GLN B 209 -16.83 8.26 -8.53
C GLN B 209 -17.95 7.47 -9.24
N GLU B 210 -18.77 8.16 -10.07
CA GLU B 210 -19.82 7.50 -10.82
C GLU B 210 -19.23 6.62 -11.94
N ILE B 211 -18.12 7.08 -12.56
CA ILE B 211 -17.43 6.30 -13.60
C ILE B 211 -16.75 5.10 -12.98
N VAL B 212 -16.15 5.26 -11.80
CA VAL B 212 -15.49 4.16 -11.12
C VAL B 212 -16.49 3.08 -10.72
N ASP B 213 -17.66 3.49 -10.20
CA ASP B 213 -18.71 2.59 -9.74
C ASP B 213 -19.44 1.80 -10.85
N THR B 214 -19.45 2.32 -12.09
CA THR B 214 -20.14 1.67 -13.19
C THR B 214 -19.23 1.11 -14.28
N HIS B 215 -17.97 1.54 -14.33
CA HIS B 215 -17.02 1.08 -15.35
C HIS B 215 -15.80 0.38 -14.76
N GLU B 216 -15.06 -0.36 -15.61
CA GLU B 216 -13.79 -0.97 -15.22
C GLU B 216 -12.67 -0.36 -16.02
N LEU B 217 -11.52 -0.10 -15.39
CA LEU B 217 -10.36 0.45 -16.09
C LEU B 217 -9.75 -0.64 -16.96
N GLN B 218 -9.79 -0.44 -18.28
CA GLN B 218 -9.22 -1.42 -19.20
C GLN B 218 -7.78 -1.04 -19.57
N VAL B 219 -7.54 0.23 -19.93
CA VAL B 219 -6.21 0.70 -20.33
C VAL B 219 -5.85 1.99 -19.61
N ILE B 220 -4.56 2.17 -19.32
CA ILE B 220 -4.00 3.40 -18.78
C ILE B 220 -2.60 3.57 -19.38
N THR B 221 -2.32 4.75 -19.92
CA THR B 221 -1.00 5.08 -20.46
C THR B 221 -0.58 6.36 -19.75
N LEU B 222 0.65 6.40 -19.27
CA LEU B 222 1.13 7.54 -18.51
C LEU B 222 2.54 7.99 -18.90
N ASP B 223 2.69 9.29 -19.18
CA ASP B 223 3.98 9.91 -19.49
C ASP B 223 4.48 10.59 -18.23
N TYR B 224 5.77 10.46 -17.96
CA TYR B 224 6.43 11.02 -16.80
C TYR B 224 7.41 12.05 -17.31
N ARG B 225 7.26 13.30 -16.87
CA ARG B 225 8.07 14.42 -17.38
C ARG B 225 9.00 15.01 -16.32
N ARG B 226 8.56 14.98 -15.07
CA ARG B 226 9.25 15.58 -13.95
C ARG B 226 8.82 14.87 -12.68
N GLU B 227 9.72 14.76 -11.68
CA GLU B 227 9.36 14.09 -10.45
C GLU B 227 8.72 15.05 -9.44
N CYS B 228 7.85 14.54 -8.60
CA CYS B 228 7.19 15.31 -7.56
C CYS B 228 8.01 15.17 -6.28
N GLN B 229 8.32 16.31 -5.65
CA GLN B 229 9.10 16.31 -4.41
C GLN B 229 8.19 16.03 -3.23
N GLN B 230 8.79 15.60 -2.11
CA GLN B 230 8.10 15.30 -0.86
C GLN B 230 7.26 16.51 -0.38
N ASP B 231 7.75 17.74 -0.61
CA ASP B 231 7.08 18.97 -0.20
C ASP B 231 6.33 19.73 -1.35
N ASP B 232 6.01 19.02 -2.45
CA ASP B 232 5.29 19.60 -3.59
C ASP B 232 3.80 19.24 -3.50
N VAL B 233 2.92 20.13 -4.00
CA VAL B 233 1.48 19.94 -4.04
C VAL B 233 1.05 19.76 -5.50
N VAL B 234 0.17 18.79 -5.75
CA VAL B 234 -0.23 18.42 -7.11
C VAL B 234 -1.72 18.61 -7.38
N ASP B 235 -2.06 19.07 -8.58
CA ASP B 235 -3.45 19.17 -9.02
C ASP B 235 -3.65 18.14 -10.13
N SER B 236 -4.73 17.36 -10.04
CA SER B 236 -5.03 16.32 -11.02
C SER B 236 -6.21 16.78 -11.89
N LEU B 237 -6.02 16.85 -13.22
CA LEU B 237 -7.07 17.33 -14.12
C LEU B 237 -7.52 16.26 -15.11
N THR B 238 -8.82 16.22 -15.44
CA THR B 238 -9.39 15.22 -16.34
C THR B 238 -10.45 15.82 -17.28
N THR B 239 -10.54 15.27 -18.51
CA THR B 239 -11.54 15.65 -19.49
C THR B 239 -11.96 14.40 -20.28
N THR B 240 -13.26 14.22 -20.49
CA THR B 240 -13.74 13.10 -21.30
C THR B 240 -13.46 13.41 -22.77
N THR B 241 -12.86 12.48 -23.49
CA THR B 241 -12.57 12.67 -24.91
C THR B 241 -13.43 11.78 -25.83
N SER B 242 -14.36 11.02 -25.27
CA SER B 242 -15.27 10.17 -26.06
C SER B 242 -16.66 10.86 -26.20
N ASP B 260 -17.81 2.83 -24.58
CA ASP B 260 -16.54 3.01 -23.88
C ASP B 260 -16.31 4.46 -23.49
N SER B 261 -15.54 4.68 -22.40
CA SER B 261 -15.23 6.03 -21.93
C SER B 261 -13.72 6.30 -21.99
N GLN B 262 -13.33 7.40 -22.63
CA GLN B 262 -11.93 7.78 -22.74
C GLN B 262 -11.70 9.09 -22.03
N PHE B 263 -10.57 9.20 -21.35
CA PHE B 263 -10.23 10.42 -20.64
C PHE B 263 -8.83 10.88 -20.95
N LEU B 264 -8.64 12.20 -20.90
CA LEU B 264 -7.33 12.82 -21.04
C LEU B 264 -6.99 13.35 -19.63
N HIS B 265 -5.75 13.10 -19.17
CA HIS B 265 -5.34 13.47 -17.82
C HIS B 265 -4.10 14.34 -17.79
N LEU B 266 -3.97 15.16 -16.74
CA LEU B 266 -2.79 15.98 -16.57
C LEU B 266 -2.53 16.24 -15.08
N LEU B 267 -1.30 15.93 -14.62
CA LEU B 267 -0.89 16.24 -13.25
C LEU B 267 0.06 17.41 -13.35
N ARG B 268 -0.17 18.45 -12.55
CA ARG B 268 0.72 19.62 -12.55
C ARG B 268 0.91 20.15 -11.13
N LEU B 269 2.00 20.89 -10.91
CA LEU B 269 2.29 21.46 -9.61
C LEU B 269 1.30 22.55 -9.34
N SER B 270 0.67 22.51 -8.15
CA SER B 270 -0.39 23.39 -7.69
C SER B 270 -0.03 24.87 -7.81
N GLY B 271 1.22 25.19 -7.57
CA GLY B 271 1.69 26.56 -7.64
C GLY B 271 1.81 27.07 -9.06
N ASP B 272 3.01 26.98 -9.61
CA ASP B 272 3.35 27.46 -10.95
C ASP B 272 2.66 26.73 -12.13
N GLY B 273 1.98 25.62 -11.88
CA GLY B 273 1.36 24.87 -12.97
C GLY B 273 2.35 24.08 -13.81
N GLN B 274 3.51 23.74 -13.23
CA GLN B 274 4.54 22.95 -13.91
C GLN B 274 4.04 21.53 -14.16
N GLU B 275 4.12 21.04 -15.42
CA GLU B 275 3.66 19.70 -15.76
C GLU B 275 4.55 18.61 -15.20
N ILE B 276 3.94 17.65 -14.49
CA ILE B 276 4.70 16.52 -13.98
C ILE B 276 4.30 15.24 -14.75
N ASN B 277 3.00 15.09 -15.12
CA ASN B 277 2.50 13.92 -15.86
C ASN B 277 1.39 14.29 -16.83
N ARG B 278 1.23 13.45 -17.86
CA ARG B 278 0.11 13.47 -18.82
C ARG B 278 -0.24 12.01 -19.19
N GLY B 279 -1.52 11.73 -19.41
CA GLY B 279 -1.96 10.37 -19.73
C GLY B 279 -3.36 10.27 -20.26
N THR B 280 -3.80 9.03 -20.54
CA THR B 280 -5.13 8.68 -21.06
C THR B 280 -5.61 7.37 -20.42
N THR B 281 -6.92 7.24 -20.20
CA THR B 281 -7.51 6.01 -19.67
C THR B 281 -8.70 5.57 -20.52
N LEU B 282 -8.91 4.26 -20.61
CA LEU B 282 -10.05 3.72 -21.35
C LEU B 282 -10.83 2.81 -20.39
N TRP B 283 -12.15 2.99 -20.34
CA TRP B 283 -13.00 2.24 -19.44
C TRP B 283 -14.18 1.61 -20.19
N ARG B 284 -14.60 0.42 -19.76
CA ARG B 284 -15.75 -0.28 -20.35
C ARG B 284 -16.86 -0.42 -19.29
N LYS B 285 -18.14 -0.40 -19.69
CA LYS B 285 -19.24 -0.60 -18.74
C LYS B 285 -19.20 -2.03 -18.19
N LYS B 286 -19.47 -2.21 -16.88
CA LYS B 286 -19.41 -3.52 -16.23
C LYS B 286 -20.48 -4.49 -16.74
N1 A1AJ9 C . -16.30 4.32 17.75
N3 A1AJ9 C . -20.43 7.07 17.10
C4 A1AJ9 C . -16.83 4.88 16.65
C5 A1AJ9 C . -18.47 5.99 18.10
C6 A1AJ9 C . -19.97 6.17 18.16
C7 A1AJ9 C . -20.09 6.51 15.80
C8 A1AJ9 C . -18.59 6.31 15.68
C A1AJ9 C . -14.99 3.18 19.93
O A1AJ9 C . -14.46 3.14 18.59
C1 A1AJ9 C . -15.09 3.76 17.59
N A1AJ9 C . -16.25 4.91 15.43
C3 A1AJ9 C . -15.05 4.32 15.33
C2 A1AJ9 C . -14.42 3.71 16.37
N2 A1AJ9 C . -18.03 5.52 16.78
S SO4 D . -6.40 -23.72 7.27
O1 SO4 D . -6.49 -22.70 8.33
O2 SO4 D . -5.71 -24.91 7.81
O3 SO4 D . -7.77 -24.05 6.82
O4 SO4 D . -5.64 -23.21 6.11
S SO4 E . -12.11 -9.57 16.08
O1 SO4 E . -11.84 -9.52 17.53
O2 SO4 E . -12.39 -10.95 15.67
O3 SO4 E . -13.25 -8.67 15.79
O4 SO4 E . -10.91 -9.11 15.33
N1 A1AJ9 F . 12.37 13.02 -16.96
N3 A1AJ9 F . 14.91 17.15 -15.73
C4 A1AJ9 F . 12.66 13.55 -15.76
C5 A1AJ9 F . 13.62 15.47 -16.95
C6 A1AJ9 F . 14.87 16.32 -16.93
C7 A1AJ9 F . 14.89 16.30 -14.54
C8 A1AJ9 F . 13.65 15.42 -14.51
C A1AJ9 F . 12.01 11.49 -19.25
O A1AJ9 F . 11.18 11.36 -18.09
C1 A1AJ9 F . 11.55 11.96 -16.93
N A1AJ9 F . 12.17 13.13 -14.57
C3 A1AJ9 F . 11.33 12.09 -14.62
C2 A1AJ9 F . 10.96 11.48 -15.78
N2 A1AJ9 F . 13.49 14.64 -15.74
S SO4 G . 14.94 -1.42 -16.57
O1 SO4 G . 15.48 -0.06 -16.39
O2 SO4 G . 14.02 -1.77 -15.49
O3 SO4 G . 14.05 -1.46 -17.74
O4 SO4 G . 16.09 -2.32 -16.76
S SO4 H . 16.66 -17.27 -9.08
O1 SO4 H . 18.13 -17.14 -8.99
O2 SO4 H . 16.04 -16.93 -7.79
O3 SO4 H . 16.21 -16.35 -10.14
O4 SO4 H . 16.32 -18.65 -9.48
#